data_9OMM
#
_entry.id   9OMM
#
_cell.length_a   64.640
_cell.length_b   65.670
_cell.length_c   128.400
_cell.angle_alpha   90.000
_cell.angle_beta   90.000
_cell.angle_gamma   90.000
#
_symmetry.space_group_name_H-M   'P 2 21 21'
#
loop_
_entity.id
_entity.type
_entity.pdbx_description
1 polymer Glycosyltransferase
2 branched alpha-L-fucopyranose-(1-4)-beta-D-glucopyranose
3 non-polymer "GUANOSINE-5'-MONOPHOSPHATE"
4 non-polymer 'DIMETHYL SULFOXIDE'
5 non-polymer GUANOSINE
6 non-polymer alpha-L-fucopyranose
7 non-polymer 2-O-acetyl-6-deoxy-alpha-D-talopyranose
8 water water
#
_entity_poly.entity_id   1
_entity_poly.type   'polypeptide(L)'
_entity_poly.pdbx_seq_one_letter_code
;MGPEFDITVVIPTFKAEKTVGQCLESVLSQQGVSTEIIVVDGGSPDATISIVQSFSSTNLTIISEPDRGIYDAINKGVSR
AQGGMIGVLGADDVYKPNVLSVVKENASRGVEIVAGLTLIDGQLRADEQYRPAALISGIPFGHNAMFASQEAYRKVGLYD
LAYRICADAEWVHRAIKSDISCRKVEQVFVEFGTEGTSSSNPEEIIAEACSVIQRNFPFLLKEEAKYLLYGVRGWGETSR
IEQILRKYGHESVLFVTALQEAFPAVETAAALEHHHHHH
;
_entity_poly.pdbx_strand_id   A,B
#
loop_
_chem_comp.id
_chem_comp.type
_chem_comp.name
_chem_comp.formula
5GP non-polymer GUANOSINE-5'-MONOPHOSPHATE 'C10 H14 N5 O8 P'
A1CCW D-saccharide, alpha linking 2-O-acetyl-6-deoxy-alpha-D-talopyranose 'C8 H14 O6'
BGC D-saccharide, beta linking beta-D-glucopyranose 'C6 H12 O6'
DMS non-polymer 'DIMETHYL SULFOXIDE' 'C2 H6 O S'
FUC L-saccharide, alpha linking alpha-L-fucopyranose 'C6 H12 O5'
GMP non-polymer GUANOSINE 'C10 H13 N5 O5'
#
# COMPACT_ATOMS: atom_id res chain seq x y z
N GLU A 4 -12.17 -24.45 19.78
CA GLU A 4 -11.84 -23.25 19.02
C GLU A 4 -13.09 -22.36 18.87
N PHE A 5 -13.32 -21.84 17.67
CA PHE A 5 -14.45 -20.96 17.41
C PHE A 5 -15.04 -21.27 16.05
N ASP A 6 -16.36 -21.13 15.93
CA ASP A 6 -17.01 -21.27 14.64
C ASP A 6 -16.74 -20.05 13.76
N ILE A 7 -16.85 -18.85 14.34
CA ILE A 7 -16.77 -17.61 13.59
C ILE A 7 -15.72 -16.71 14.24
N THR A 8 -15.03 -15.94 13.40
CA THR A 8 -14.20 -14.84 13.84
C THR A 8 -14.69 -13.56 13.16
N VAL A 9 -14.98 -12.55 13.97
CA VAL A 9 -15.44 -11.25 13.46
C VAL A 9 -14.32 -10.25 13.66
N VAL A 10 -13.77 -9.77 12.56
CA VAL A 10 -12.73 -8.74 12.59
C VAL A 10 -13.40 -7.38 12.42
N ILE A 11 -13.14 -6.48 13.35
CA ILE A 11 -13.77 -5.16 13.39
C ILE A 11 -12.68 -4.11 13.34
N PRO A 12 -12.42 -3.51 12.16
CA PRO A 12 -11.49 -2.39 12.10
C PRO A 12 -12.16 -1.12 12.60
N THR A 13 -11.47 -0.38 13.45
CA THR A 13 -12.04 0.83 14.03
C THR A 13 -11.01 1.95 14.05
N PHE A 14 -11.51 3.18 13.86
CA PHE A 14 -10.73 4.37 14.14
C PHE A 14 -11.72 5.50 14.41
N LYS A 15 -11.76 5.98 15.66
CA LYS A 15 -12.71 7.00 16.07
C LYS A 15 -14.14 6.54 15.79
N ALA A 16 -14.50 5.41 16.41
CA ALA A 16 -15.81 4.79 16.23
C ALA A 16 -16.60 4.75 17.54
N GLU A 17 -16.41 5.75 18.41
CA GLU A 17 -17.07 5.72 19.70
C GLU A 17 -18.58 5.88 19.60
N LYS A 18 -19.07 6.45 18.50
CA LYS A 18 -20.52 6.64 18.34
C LYS A 18 -21.23 5.29 18.24
N THR A 19 -20.62 4.32 17.56
CA THR A 19 -21.35 3.14 17.11
C THR A 19 -20.72 1.80 17.47
N VAL A 20 -19.46 1.78 17.94
CA VAL A 20 -18.79 0.50 18.17
C VAL A 20 -19.60 -0.37 19.13
N GLY A 21 -20.36 0.24 20.04
CA GLY A 21 -21.22 -0.51 20.93
C GLY A 21 -22.29 -1.28 20.19
N GLN A 22 -23.08 -0.58 19.37
CA GLN A 22 -24.12 -1.25 18.61
C GLN A 22 -23.53 -2.35 17.73
N CYS A 23 -22.37 -2.08 17.12
CA CYS A 23 -21.68 -3.08 16.33
C CYS A 23 -21.43 -4.36 17.14
N LEU A 24 -20.75 -4.21 18.28
CA LEU A 24 -20.45 -5.38 19.11
C LEU A 24 -21.72 -6.04 19.64
N GLU A 25 -22.76 -5.26 19.91
CA GLU A 25 -24.01 -5.85 20.37
C GLU A 25 -24.55 -6.85 19.35
N SER A 26 -24.52 -6.49 18.07
CA SER A 26 -25.06 -7.37 17.04
C SER A 26 -24.26 -8.66 16.90
N VAL A 27 -22.99 -8.66 17.31
CA VAL A 27 -22.17 -9.86 17.23
C VAL A 27 -22.36 -10.75 18.46
N LEU A 28 -22.33 -10.15 19.65
CA LEU A 28 -22.37 -10.94 20.88
C LEU A 28 -23.72 -11.58 21.12
N SER A 29 -24.80 -11.02 20.56
CA SER A 29 -26.13 -11.61 20.70
C SER A 29 -26.38 -12.75 19.73
N GLN A 30 -25.46 -13.02 18.81
CA GLN A 30 -25.64 -14.10 17.85
C GLN A 30 -25.75 -15.44 18.57
N GLN A 31 -26.83 -16.17 18.31
CA GLN A 31 -27.12 -17.42 18.98
C GLN A 31 -26.53 -18.60 18.20
N GLY A 32 -26.30 -19.70 18.92
CA GLY A 32 -25.92 -20.94 18.29
C GLY A 32 -24.54 -20.99 17.71
N VAL A 33 -23.63 -20.11 18.14
CA VAL A 33 -22.26 -20.10 17.63
C VAL A 33 -21.33 -19.64 18.74
N SER A 34 -20.13 -20.20 18.75
CA SER A 34 -19.01 -19.65 19.51
C SER A 34 -18.25 -18.70 18.58
N THR A 35 -18.15 -17.44 18.98
CA THR A 35 -17.63 -16.39 18.12
C THR A 35 -16.42 -15.72 18.76
N GLU A 36 -15.40 -15.47 17.94
CA GLU A 36 -14.23 -14.70 18.35
C GLU A 36 -14.34 -13.30 17.74
N ILE A 37 -14.14 -12.29 18.56
CA ILE A 37 -14.15 -10.89 18.12
C ILE A 37 -12.73 -10.36 18.23
N ILE A 38 -12.24 -9.76 17.14
CA ILE A 38 -10.92 -9.14 17.10
C ILE A 38 -11.11 -7.71 16.62
N VAL A 39 -11.00 -6.76 17.55
CA VAL A 39 -11.09 -5.34 17.22
C VAL A 39 -9.69 -4.84 16.89
N VAL A 40 -9.50 -4.35 15.66
CA VAL A 40 -8.23 -3.82 15.21
C VAL A 40 -8.36 -2.31 15.14
N ASP A 41 -7.88 -1.63 16.17
CA ASP A 41 -8.00 -0.18 16.27
C ASP A 41 -6.75 0.50 15.73
N GLY A 42 -6.94 1.66 15.11
CA GLY A 42 -5.84 2.36 14.48
C GLY A 42 -5.22 3.43 15.35
N GLY A 43 -5.40 3.32 16.66
CA GLY A 43 -4.88 4.31 17.58
C GLY A 43 -5.88 5.42 17.85
N SER A 44 -7.13 5.05 18.06
CA SER A 44 -8.18 6.04 18.22
C SER A 44 -7.90 6.93 19.44
N PRO A 45 -8.02 8.25 19.31
CA PRO A 45 -7.85 9.12 20.49
C PRO A 45 -9.11 9.29 21.33
N ASP A 46 -10.25 8.80 20.86
CA ASP A 46 -11.52 8.98 21.55
C ASP A 46 -11.80 7.78 22.45
N ALA A 47 -13.06 7.61 22.88
CA ALA A 47 -13.43 6.56 23.82
C ALA A 47 -13.67 5.21 23.15
N THR A 48 -13.13 5.00 21.95
CA THR A 48 -13.38 3.74 21.24
C THR A 48 -12.88 2.55 22.05
N ILE A 49 -11.64 2.61 22.52
CA ILE A 49 -11.07 1.45 23.21
C ILE A 49 -11.78 1.21 24.53
N SER A 50 -12.12 2.27 25.26
CA SER A 50 -12.79 2.08 26.55
C SER A 50 -14.18 1.49 26.38
N ILE A 51 -14.86 1.81 25.28
CA ILE A 51 -16.17 1.21 25.03
C ILE A 51 -16.02 -0.27 24.71
N VAL A 52 -15.03 -0.62 23.89
CA VAL A 52 -14.81 -2.02 23.55
C VAL A 52 -14.45 -2.81 24.80
N GLN A 53 -13.69 -2.20 25.71
CA GLN A 53 -13.33 -2.86 26.95
C GLN A 53 -14.50 -2.93 27.94
N SER A 54 -15.52 -2.07 27.77
CA SER A 54 -16.68 -2.15 28.64
C SER A 54 -17.33 -3.53 28.55
N PHE A 55 -17.44 -4.06 27.33
CA PHE A 55 -17.97 -5.40 27.16
C PHE A 55 -17.04 -6.44 27.79
N SER A 56 -15.80 -6.48 27.34
CA SER A 56 -14.75 -7.33 27.92
C SER A 56 -15.25 -8.75 28.17
N SER A 57 -15.52 -9.43 27.06
CA SER A 57 -15.78 -10.85 27.09
C SER A 57 -14.48 -11.62 26.89
N THR A 58 -14.48 -12.88 27.33
CA THR A 58 -13.28 -13.69 27.22
C THR A 58 -12.88 -13.96 25.77
N ASN A 59 -13.74 -13.65 24.81
CA ASN A 59 -13.48 -13.91 23.40
C ASN A 59 -13.25 -12.62 22.62
N LEU A 60 -12.87 -11.55 23.30
CA LEU A 60 -12.66 -10.24 22.68
C LEU A 60 -11.18 -9.88 22.78
N THR A 61 -10.53 -9.75 21.62
CA THR A 61 -9.15 -9.31 21.54
C THR A 61 -9.11 -7.91 20.96
N ILE A 62 -8.29 -7.05 21.59
CA ILE A 62 -8.21 -5.64 21.22
C ILE A 62 -6.80 -5.36 20.74
N ILE A 63 -6.68 -4.96 19.47
CA ILE A 63 -5.44 -4.43 18.92
C ILE A 63 -5.65 -2.93 18.74
N SER A 64 -4.69 -2.14 19.21
CA SER A 64 -4.74 -0.69 19.07
C SER A 64 -3.33 -0.19 18.76
N GLU A 65 -3.16 0.30 17.54
CA GLU A 65 -1.86 0.78 17.08
C GLU A 65 -2.05 1.43 15.72
N PRO A 66 -1.22 2.41 15.35
CA PRO A 66 -1.33 2.98 14.01
C PRO A 66 -1.22 1.91 12.94
N ASP A 67 -1.97 2.09 11.86
CA ASP A 67 -1.91 1.21 10.71
C ASP A 67 -1.96 2.04 9.44
N ARG A 68 -1.92 1.36 8.31
CA ARG A 68 -1.86 2.01 7.00
C ARG A 68 -3.22 2.05 6.31
N GLY A 69 -4.30 1.78 7.03
CA GLY A 69 -5.63 1.88 6.45
C GLY A 69 -6.57 0.78 6.89
N ILE A 70 -7.82 0.84 6.42
CA ILE A 70 -8.83 -0.14 6.81
C ILE A 70 -8.35 -1.56 6.47
N TYR A 71 -7.85 -1.74 5.25
CA TYR A 71 -7.48 -3.08 4.81
C TYR A 71 -6.22 -3.58 5.51
N ASP A 72 -5.32 -2.69 5.89
CA ASP A 72 -4.18 -3.10 6.71
C ASP A 72 -4.67 -3.63 8.05
N ALA A 73 -5.61 -2.94 8.69
CA ALA A 73 -6.17 -3.41 9.95
C ALA A 73 -6.91 -4.73 9.75
N ILE A 74 -7.67 -4.85 8.66
CA ILE A 74 -8.33 -6.12 8.37
C ILE A 74 -7.30 -7.25 8.30
N ASN A 75 -6.20 -7.00 7.59
CA ASN A 75 -5.18 -8.03 7.43
C ASN A 75 -4.62 -8.49 8.77
N LYS A 76 -4.50 -7.57 9.74
CA LYS A 76 -4.04 -7.96 11.06
C LYS A 76 -5.04 -8.89 11.73
N GLY A 77 -6.33 -8.58 11.63
CA GLY A 77 -7.34 -9.42 12.26
C GLY A 77 -7.45 -10.78 11.62
N VAL A 78 -7.45 -10.83 10.29
CA VAL A 78 -7.57 -12.10 9.58
C VAL A 78 -6.42 -13.03 9.95
N SER A 79 -5.20 -12.49 10.03
CA SER A 79 -4.05 -13.32 10.37
C SER A 79 -4.18 -13.92 11.77
N ARG A 80 -4.83 -13.21 12.68
CA ARG A 80 -4.95 -13.63 14.07
C ARG A 80 -6.21 -14.45 14.33
N ALA A 81 -7.12 -14.53 13.36
CA ALA A 81 -8.39 -15.21 13.57
C ALA A 81 -8.17 -16.69 13.85
N GLN A 82 -9.04 -17.24 14.70
CA GLN A 82 -9.01 -18.66 15.05
C GLN A 82 -10.32 -19.37 14.75
N GLY A 83 -11.31 -18.67 14.20
CA GLY A 83 -12.58 -19.30 13.89
C GLY A 83 -12.61 -19.90 12.50
N GLY A 84 -13.42 -20.96 12.35
CA GLY A 84 -13.51 -21.63 11.06
C GLY A 84 -13.89 -20.70 9.93
N MET A 85 -14.76 -19.73 10.23
CA MET A 85 -15.19 -18.75 9.24
C MET A 85 -14.88 -17.36 9.77
N ILE A 86 -14.52 -16.45 8.88
CA ILE A 86 -14.05 -15.13 9.24
C ILE A 86 -14.89 -14.10 8.51
N GLY A 87 -15.53 -13.22 9.27
CA GLY A 87 -16.23 -12.09 8.70
C GLY A 87 -15.60 -10.78 9.10
N VAL A 88 -15.88 -9.72 8.35
CA VAL A 88 -15.42 -8.37 8.67
C VAL A 88 -16.63 -7.48 8.84
N LEU A 89 -16.68 -6.75 9.95
CA LEU A 89 -17.81 -5.90 10.28
C LEU A 89 -17.30 -4.51 10.63
N GLY A 90 -17.78 -3.50 9.90
CA GLY A 90 -17.45 -2.14 10.24
C GLY A 90 -18.10 -1.73 11.55
N ALA A 91 -17.45 -0.79 12.24
CA ALA A 91 -17.95 -0.35 13.54
C ALA A 91 -19.26 0.39 13.45
N ASP A 92 -19.68 0.80 12.24
CA ASP A 92 -20.99 1.41 12.04
C ASP A 92 -21.93 0.49 11.25
N ASP A 93 -21.60 -0.80 11.17
CA ASP A 93 -22.48 -1.82 10.63
C ASP A 93 -23.00 -2.70 11.77
N VAL A 94 -24.02 -3.48 11.45
CA VAL A 94 -24.54 -4.49 12.37
C VAL A 94 -24.93 -5.73 11.58
N TYR A 95 -24.60 -6.90 12.11
CA TYR A 95 -25.16 -8.14 11.58
C TYR A 95 -26.63 -8.25 11.97
N LYS A 96 -27.40 -8.95 11.14
CA LYS A 96 -28.78 -9.23 11.48
C LYS A 96 -28.85 -10.47 12.38
N PRO A 97 -29.95 -10.64 13.11
CA PRO A 97 -30.05 -11.81 14.00
C PRO A 97 -29.98 -13.12 13.22
N ASN A 98 -29.31 -14.11 13.82
CA ASN A 98 -29.18 -15.48 13.33
C ASN A 98 -28.19 -15.61 12.18
N VAL A 99 -27.50 -14.54 11.80
CA VAL A 99 -26.63 -14.60 10.63
C VAL A 99 -25.48 -15.58 10.86
N LEU A 100 -24.78 -15.44 11.99
CA LEU A 100 -23.61 -16.29 12.23
C LEU A 100 -23.98 -17.76 12.29
N SER A 101 -25.18 -18.08 12.80
CA SER A 101 -25.62 -19.47 12.79
C SER A 101 -25.86 -19.96 11.37
N VAL A 102 -26.38 -19.08 10.50
CA VAL A 102 -26.55 -19.46 9.10
C VAL A 102 -25.20 -19.69 8.45
N VAL A 103 -24.21 -18.85 8.77
CA VAL A 103 -22.87 -19.01 8.21
C VAL A 103 -22.31 -20.37 8.63
N LYS A 104 -22.41 -20.70 9.91
CA LYS A 104 -21.91 -21.98 10.39
C LYS A 104 -22.66 -23.14 9.73
N GLU A 105 -23.97 -22.99 9.55
CA GLU A 105 -24.76 -24.03 8.89
C GLU A 105 -24.19 -24.33 7.50
N ASN A 106 -24.07 -23.31 6.66
CA ASN A 106 -23.56 -23.52 5.31
C ASN A 106 -22.11 -23.98 5.35
N ALA A 107 -21.32 -23.47 6.30
CA ALA A 107 -19.93 -23.90 6.40
C ALA A 107 -19.81 -25.38 6.77
N SER A 108 -20.80 -25.91 7.49
CA SER A 108 -20.76 -27.32 7.87
C SER A 108 -20.86 -28.24 6.66
N ARG A 109 -21.33 -27.74 5.52
CA ARG A 109 -21.49 -28.55 4.32
C ARG A 109 -20.35 -28.35 3.33
N GLY A 110 -19.33 -27.58 3.69
CA GLY A 110 -18.10 -27.49 2.92
C GLY A 110 -17.91 -26.25 2.08
N VAL A 111 -18.77 -25.24 2.24
CA VAL A 111 -18.63 -24.02 1.45
C VAL A 111 -17.52 -23.16 2.03
N GLU A 112 -16.67 -22.62 1.15
CA GLU A 112 -15.54 -21.82 1.60
C GLU A 112 -15.94 -20.38 1.86
N ILE A 113 -16.78 -19.80 1.00
CA ILE A 113 -17.26 -18.44 1.18
C ILE A 113 -18.78 -18.48 1.34
N VAL A 114 -19.27 -17.82 2.39
CA VAL A 114 -20.70 -17.65 2.62
C VAL A 114 -20.98 -16.16 2.56
N ALA A 115 -21.79 -15.73 1.60
CA ALA A 115 -22.12 -14.34 1.41
C ALA A 115 -23.62 -14.14 1.47
N GLY A 116 -24.04 -12.99 1.98
CA GLY A 116 -25.44 -12.67 2.12
C GLY A 116 -25.79 -11.33 1.49
N LEU A 117 -27.01 -10.87 1.71
CA LEU A 117 -27.47 -9.60 1.18
C LEU A 117 -27.03 -8.46 2.09
N THR A 118 -27.13 -7.24 1.56
CA THR A 118 -26.66 -6.05 2.26
C THR A 118 -27.74 -4.98 2.19
N LEU A 119 -28.08 -4.42 3.33
CA LEU A 119 -29.07 -3.34 3.42
C LEU A 119 -28.33 -2.03 3.59
N ILE A 120 -28.59 -1.08 2.69
CA ILE A 120 -27.93 0.21 2.70
C ILE A 120 -29.00 1.28 2.57
N ASP A 121 -29.10 2.14 3.58
CA ASP A 121 -30.12 3.18 3.62
C ASP A 121 -31.50 2.63 3.28
N GLY A 122 -31.81 1.47 3.88
CA GLY A 122 -33.12 0.87 3.73
C GLY A 122 -33.40 0.22 2.40
N GLN A 123 -32.41 0.13 1.53
CA GLN A 123 -32.55 -0.57 0.25
C GLN A 123 -31.53 -1.69 0.17
N LEU A 124 -31.86 -2.72 -0.60
CA LEU A 124 -30.95 -3.82 -0.81
C LEU A 124 -29.83 -3.42 -1.78
N ARG A 125 -28.61 -3.85 -1.48
CA ARG A 125 -27.51 -3.65 -2.41
C ARG A 125 -27.76 -4.43 -3.68
N ALA A 126 -27.52 -3.79 -4.83
CA ALA A 126 -27.70 -4.43 -6.13
C ALA A 126 -26.52 -5.38 -6.35
N ASP A 127 -26.66 -6.60 -5.83
CA ASP A 127 -25.60 -7.58 -5.95
C ASP A 127 -25.56 -8.19 -7.34
N GLU A 128 -24.39 -8.72 -7.69
CA GLU A 128 -24.20 -9.50 -8.90
C GLU A 128 -23.96 -10.96 -8.52
N GLN A 129 -23.59 -11.77 -9.50
CA GLN A 129 -23.26 -13.16 -9.27
C GLN A 129 -21.77 -13.35 -9.06
N TYR A 130 -21.42 -14.20 -8.10
CA TYR A 130 -20.07 -14.69 -7.93
C TYR A 130 -19.67 -15.54 -9.14
N ARG A 131 -19.06 -14.92 -10.15
CA ARG A 131 -18.76 -15.62 -11.39
C ARG A 131 -17.78 -14.81 -12.24
N PRO A 132 -17.22 -15.40 -13.30
CA PRO A 132 -16.19 -14.67 -14.08
C PRO A 132 -16.61 -13.27 -14.49
N ALA A 133 -17.90 -13.04 -14.74
CA ALA A 133 -18.35 -11.69 -15.09
C ALA A 133 -17.96 -10.68 -14.03
N ALA A 134 -17.91 -11.10 -12.76
CA ALA A 134 -17.49 -10.18 -11.69
C ALA A 134 -16.09 -9.64 -11.95
N LEU A 135 -15.24 -10.40 -12.63
CA LEU A 135 -13.85 -9.98 -12.83
C LEU A 135 -13.74 -8.71 -13.67
N ILE A 136 -14.73 -8.42 -14.51
CA ILE A 136 -14.76 -7.18 -15.27
C ILE A 136 -15.69 -6.15 -14.64
N SER A 137 -16.20 -6.42 -13.44
CA SER A 137 -16.97 -5.45 -12.69
C SER A 137 -16.37 -5.28 -11.31
N GLY A 138 -17.19 -5.00 -10.31
CA GLY A 138 -16.74 -4.81 -8.96
C GLY A 138 -16.95 -6.05 -8.11
N ILE A 139 -16.95 -5.85 -6.80
CA ILE A 139 -17.21 -6.95 -5.86
C ILE A 139 -18.66 -7.41 -6.03
N PRO A 140 -18.92 -8.71 -6.20
CA PRO A 140 -20.28 -9.14 -6.51
C PRO A 140 -21.27 -8.98 -5.37
N PHE A 141 -20.79 -8.86 -4.13
CA PHE A 141 -21.66 -8.67 -2.98
C PHE A 141 -21.00 -7.70 -2.01
N GLY A 142 -21.79 -7.22 -1.04
CA GLY A 142 -21.23 -6.37 0.00
C GLY A 142 -20.16 -7.10 0.78
N HIS A 143 -19.02 -6.44 0.98
CA HIS A 143 -17.88 -7.12 1.57
C HIS A 143 -18.16 -7.54 3.02
N ASN A 144 -18.85 -6.68 3.78
CA ASN A 144 -19.20 -7.03 5.15
C ASN A 144 -20.21 -8.16 5.22
N ALA A 145 -20.94 -8.41 4.14
CA ALA A 145 -21.84 -9.55 4.05
C ALA A 145 -21.11 -10.84 3.70
N MET A 146 -19.78 -10.83 3.66
CA MET A 146 -19.00 -11.98 3.24
C MET A 146 -18.38 -12.68 4.45
N PHE A 147 -18.34 -14.01 4.39
CA PHE A 147 -17.65 -14.83 5.36
C PHE A 147 -16.80 -15.84 4.60
N ALA A 148 -15.51 -15.90 4.92
CA ALA A 148 -14.58 -16.79 4.23
C ALA A 148 -13.87 -17.67 5.25
N SER A 149 -13.68 -18.94 4.89
CA SER A 149 -13.06 -19.89 5.80
C SER A 149 -11.56 -19.65 5.89
N GLN A 150 -10.94 -20.30 6.89
CA GLN A 150 -9.49 -20.27 7.00
C GLN A 150 -8.82 -20.73 5.71
N GLU A 151 -9.33 -21.84 5.14
CA GLU A 151 -8.74 -22.39 3.93
C GLU A 151 -8.81 -21.39 2.78
N ALA A 152 -9.95 -20.72 2.64
CA ALA A 152 -10.08 -19.70 1.60
C ALA A 152 -9.01 -18.64 1.73
N TYR A 153 -8.82 -18.11 2.95
CA TYR A 153 -7.80 -17.10 3.16
C TYR A 153 -6.40 -17.67 2.96
N ARG A 154 -6.17 -18.92 3.41
CA ARG A 154 -4.85 -19.52 3.22
C ARG A 154 -4.49 -19.63 1.75
N LYS A 155 -5.47 -19.86 0.88
CA LYS A 155 -5.20 -20.08 -0.52
C LYS A 155 -5.28 -18.81 -1.36
N VAL A 156 -6.04 -17.81 -0.93
CA VAL A 156 -6.09 -16.54 -1.65
C VAL A 156 -5.07 -15.55 -1.11
N GLY A 157 -4.95 -15.45 0.20
CA GLY A 157 -4.03 -14.51 0.83
C GLY A 157 -4.78 -13.34 1.43
N LEU A 158 -4.01 -12.32 1.80
CA LEU A 158 -4.53 -11.14 2.47
C LEU A 158 -4.97 -10.10 1.44
N TYR A 159 -5.40 -8.94 1.93
CA TYR A 159 -5.87 -7.87 1.06
C TYR A 159 -4.72 -7.01 0.59
N ASP A 160 -4.75 -6.66 -0.69
CA ASP A 160 -3.66 -5.95 -1.35
C ASP A 160 -3.72 -4.48 -0.95
N LEU A 161 -2.73 -4.02 -0.17
CA LEU A 161 -2.76 -2.67 0.37
C LEU A 161 -2.54 -1.60 -0.69
N ALA A 162 -2.14 -1.97 -1.91
CA ALA A 162 -2.07 -0.99 -2.98
C ALA A 162 -3.45 -0.48 -3.38
N TYR A 163 -4.50 -1.22 -3.03
CA TYR A 163 -5.88 -0.84 -3.30
C TYR A 163 -6.52 -0.43 -1.97
N ARG A 164 -6.76 0.86 -1.81
CA ARG A 164 -7.32 1.40 -0.58
C ARG A 164 -8.84 1.45 -0.57
N ILE A 165 -9.47 1.28 -1.73
CA ILE A 165 -10.92 1.37 -1.87
C ILE A 165 -11.51 0.06 -2.37
N CYS A 166 -10.92 -0.51 -3.42
CA CYS A 166 -11.44 -1.71 -4.06
C CYS A 166 -10.67 -2.96 -3.67
N ALA A 167 -9.98 -2.95 -2.53
CA ALA A 167 -9.25 -4.14 -2.11
C ALA A 167 -10.18 -5.30 -1.85
N ASP A 168 -11.42 -5.03 -1.43
CA ASP A 168 -12.38 -6.11 -1.26
C ASP A 168 -12.71 -6.76 -2.60
N ALA A 169 -13.03 -5.95 -3.60
CA ALA A 169 -13.27 -6.50 -4.94
C ALA A 169 -12.07 -7.29 -5.44
N GLU A 170 -10.85 -6.79 -5.19
CA GLU A 170 -9.67 -7.46 -5.70
C GLU A 170 -9.45 -8.80 -5.02
N TRP A 171 -9.75 -8.89 -3.72
CA TRP A 171 -9.65 -10.16 -3.02
C TRP A 171 -10.67 -11.16 -3.56
N VAL A 172 -11.90 -10.72 -3.75
CA VAL A 172 -12.95 -11.64 -4.21
C VAL A 172 -12.65 -12.11 -5.63
N HIS A 173 -12.18 -11.21 -6.50
CA HIS A 173 -11.79 -11.62 -7.84
C HIS A 173 -10.72 -12.70 -7.81
N ARG A 174 -9.78 -12.59 -6.87
CA ARG A 174 -8.79 -13.66 -6.70
C ARG A 174 -9.46 -14.94 -6.20
N ALA A 175 -10.41 -14.82 -5.28
CA ALA A 175 -11.15 -16.00 -4.83
C ALA A 175 -11.86 -16.67 -6.01
N ILE A 176 -12.45 -15.88 -6.89
CA ILE A 176 -13.05 -16.44 -8.11
C ILE A 176 -11.97 -17.11 -8.96
N LYS A 177 -10.86 -16.40 -9.19
CA LYS A 177 -9.78 -16.97 -9.99
C LYS A 177 -9.17 -18.20 -9.34
N SER A 178 -9.27 -18.32 -8.02
CA SER A 178 -8.77 -19.48 -7.31
C SER A 178 -9.77 -20.62 -7.27
N ASP A 179 -10.96 -20.44 -7.84
CA ASP A 179 -11.99 -21.48 -7.88
C ASP A 179 -12.50 -21.80 -6.48
N ILE A 180 -12.62 -20.77 -5.65
CA ILE A 180 -13.11 -20.93 -4.29
C ILE A 180 -14.63 -21.03 -4.31
N SER A 181 -15.18 -22.04 -3.63
CA SER A 181 -16.61 -22.24 -3.62
C SER A 181 -17.31 -21.08 -2.89
N CYS A 182 -18.49 -20.71 -3.37
CA CYS A 182 -19.25 -19.63 -2.77
C CYS A 182 -20.73 -19.97 -2.76
N ARG A 183 -21.37 -19.78 -1.62
CA ARG A 183 -22.81 -19.91 -1.47
C ARG A 183 -23.38 -18.53 -1.21
N LYS A 184 -24.32 -18.11 -2.04
CA LYS A 184 -24.99 -16.82 -1.86
C LYS A 184 -26.34 -17.06 -1.18
N VAL A 185 -26.51 -16.47 -0.01
CA VAL A 185 -27.74 -16.60 0.78
C VAL A 185 -28.60 -15.37 0.52
N GLU A 186 -29.84 -15.59 0.09
CA GLU A 186 -30.75 -14.51 -0.25
C GLU A 186 -31.44 -13.96 0.99
N GLN A 187 -30.64 -13.56 1.97
CA GLN A 187 -31.12 -12.96 3.22
C GLN A 187 -30.12 -11.89 3.64
N VAL A 188 -30.61 -10.88 4.34
CA VAL A 188 -29.76 -9.76 4.73
C VAL A 188 -28.86 -10.20 5.88
N PHE A 189 -27.55 -10.11 5.66
CA PHE A 189 -26.56 -10.38 6.70
C PHE A 189 -26.18 -9.12 7.47
N VAL A 190 -26.13 -7.98 6.79
CA VAL A 190 -25.53 -6.77 7.34
C VAL A 190 -26.35 -5.56 6.97
N GLU A 191 -26.37 -4.59 7.87
CA GLU A 191 -27.01 -3.29 7.68
C GLU A 191 -25.91 -2.23 7.67
N PHE A 192 -25.61 -1.72 6.49
CA PHE A 192 -24.43 -0.87 6.27
C PHE A 192 -24.75 0.58 6.62
N GLY A 193 -23.71 1.31 7.06
CA GLY A 193 -23.87 2.68 7.52
C GLY A 193 -23.35 3.67 6.47
N THR A 194 -24.16 4.70 6.22
CA THR A 194 -23.89 5.65 5.14
C THR A 194 -23.40 7.00 5.63
N GLU A 195 -23.36 7.24 6.93
CA GLU A 195 -22.93 8.54 7.45
C GLU A 195 -21.56 8.42 8.11
N SER A 200 -15.75 9.00 -1.20
CA SER A 200 -14.52 9.06 -1.97
C SER A 200 -14.77 9.61 -3.36
N ASN A 201 -13.84 10.40 -3.87
CA ASN A 201 -13.97 11.00 -5.18
C ASN A 201 -14.27 9.91 -6.22
N PRO A 202 -15.27 10.10 -7.09
CA PRO A 202 -15.57 9.05 -8.08
C PRO A 202 -14.37 8.65 -8.92
N GLU A 203 -13.62 9.61 -9.44
CA GLU A 203 -12.45 9.26 -10.26
C GLU A 203 -11.50 8.34 -9.51
N GLU A 204 -11.34 8.55 -8.20
CA GLU A 204 -10.46 7.68 -7.42
C GLU A 204 -10.94 6.24 -7.48
N ILE A 205 -12.24 6.01 -7.33
CA ILE A 205 -12.77 4.65 -7.37
C ILE A 205 -12.65 4.08 -8.77
N ILE A 206 -12.99 4.87 -9.79
CA ILE A 206 -12.89 4.38 -11.17
C ILE A 206 -11.46 3.98 -11.48
N ALA A 207 -10.49 4.76 -11.01
CA ALA A 207 -9.09 4.42 -11.24
C ALA A 207 -8.73 3.07 -10.62
N GLU A 208 -9.11 2.86 -9.36
CA GLU A 208 -8.81 1.59 -8.71
C GLU A 208 -9.54 0.43 -9.40
N ALA A 209 -10.81 0.64 -9.74
CA ALA A 209 -11.57 -0.42 -10.39
C ALA A 209 -10.91 -0.87 -11.69
N CYS A 210 -10.56 0.09 -12.56
CA CYS A 210 -9.85 -0.26 -13.79
C CYS A 210 -8.57 -1.03 -13.49
N SER A 211 -7.79 -0.56 -12.51
CA SER A 211 -6.54 -1.24 -12.18
C SER A 211 -6.80 -2.66 -11.72
N VAL A 212 -7.86 -2.88 -10.93
CA VAL A 212 -8.23 -4.22 -10.52
C VAL A 212 -8.53 -5.08 -11.73
N ILE A 213 -9.32 -4.54 -12.67
CA ILE A 213 -9.65 -5.28 -13.87
C ILE A 213 -8.38 -5.67 -14.63
N GLN A 214 -7.45 -4.72 -14.77
CA GLN A 214 -6.19 -5.03 -15.43
C GLN A 214 -5.40 -6.08 -14.66
N ARG A 215 -5.55 -6.11 -13.34
CA ARG A 215 -4.87 -7.14 -12.55
C ARG A 215 -5.48 -8.51 -12.80
N ASN A 216 -6.76 -8.56 -13.15
CA ASN A 216 -7.37 -9.82 -13.56
C ASN A 216 -6.90 -10.21 -14.96
N PHE A 217 -6.81 -9.24 -15.86
CA PHE A 217 -6.49 -9.46 -17.27
C PHE A 217 -5.39 -8.51 -17.66
N PRO A 218 -4.12 -8.88 -17.44
CA PRO A 218 -3.02 -7.94 -17.67
C PRO A 218 -2.88 -7.51 -19.13
N PHE A 219 -3.43 -8.25 -20.08
CA PHE A 219 -3.33 -7.89 -21.49
C PHE A 219 -4.17 -6.68 -21.86
N LEU A 220 -4.94 -6.11 -20.92
CA LEU A 220 -5.79 -4.97 -21.21
C LEU A 220 -5.06 -3.67 -20.92
N LEU A 221 -5.29 -2.67 -21.77
CA LEU A 221 -4.81 -1.32 -21.51
C LEU A 221 -5.80 -0.60 -20.61
N LYS A 222 -5.47 0.64 -20.23
CA LYS A 222 -6.33 1.39 -19.32
C LYS A 222 -7.71 1.61 -19.94
N GLU A 223 -7.74 2.16 -21.15
CA GLU A 223 -9.02 2.47 -21.79
C GLU A 223 -9.83 1.21 -22.04
N GLU A 224 -9.17 0.10 -22.36
CA GLU A 224 -9.89 -1.15 -22.59
C GLU A 224 -10.61 -1.61 -21.33
N ALA A 225 -9.89 -1.65 -20.20
CA ALA A 225 -10.54 -1.96 -18.94
C ALA A 225 -11.66 -0.98 -18.63
N LYS A 226 -11.39 0.33 -18.84
CA LYS A 226 -12.42 1.33 -18.60
C LYS A 226 -13.61 1.14 -19.53
N TYR A 227 -13.34 0.81 -20.80
CA TYR A 227 -14.44 0.59 -21.73
C TYR A 227 -15.29 -0.60 -21.31
N LEU A 228 -14.65 -1.67 -20.84
CA LEU A 228 -15.41 -2.79 -20.30
C LEU A 228 -16.19 -2.38 -19.05
N LEU A 229 -15.55 -1.61 -18.16
CA LEU A 229 -16.23 -1.15 -16.96
C LEU A 229 -17.43 -0.29 -17.32
N TYR A 230 -17.23 0.74 -18.14
CA TYR A 230 -18.33 1.61 -18.53
C TYR A 230 -19.40 0.84 -19.29
N GLY A 231 -18.99 -0.12 -20.12
CA GLY A 231 -19.96 -0.89 -20.89
C GLY A 231 -20.89 -1.70 -20.00
N VAL A 232 -20.31 -2.43 -19.04
CA VAL A 232 -21.14 -3.25 -18.15
C VAL A 232 -21.93 -2.37 -17.19
N ARG A 233 -21.38 -1.23 -16.78
CA ARG A 233 -22.04 -0.34 -15.84
C ARG A 233 -23.07 0.57 -16.50
N GLY A 234 -23.06 0.68 -17.83
CA GLY A 234 -24.04 1.48 -18.52
C GLY A 234 -23.71 2.95 -18.66
N TRP A 235 -22.44 3.32 -18.52
CA TRP A 235 -22.01 4.70 -18.69
C TRP A 235 -21.45 4.97 -20.09
N GLY A 236 -21.33 3.94 -20.93
CA GLY A 236 -20.78 4.11 -22.27
C GLY A 236 -21.31 3.07 -23.22
N GLU A 237 -20.94 3.22 -24.49
CA GLU A 237 -21.42 2.32 -25.53
C GLU A 237 -20.68 0.98 -25.47
N THR A 238 -21.27 -0.02 -26.10
CA THR A 238 -20.73 -1.37 -26.14
C THR A 238 -20.58 -1.86 -27.56
N SER A 239 -19.98 -1.02 -28.42
CA SER A 239 -19.74 -1.40 -29.81
C SER A 239 -18.43 -2.12 -30.00
N ARG A 240 -17.44 -1.88 -29.14
CA ARG A 240 -16.13 -2.51 -29.27
C ARG A 240 -15.99 -3.79 -28.47
N ILE A 241 -17.06 -4.26 -27.83
CA ILE A 241 -16.96 -5.47 -27.02
C ILE A 241 -16.48 -6.64 -27.86
N GLU A 242 -16.96 -6.75 -29.10
CA GLU A 242 -16.56 -7.86 -29.95
C GLU A 242 -15.09 -7.77 -30.32
N GLN A 243 -14.58 -6.56 -30.56
CA GLN A 243 -13.17 -6.40 -30.91
C GLN A 243 -12.28 -6.85 -29.76
N ILE A 244 -12.67 -6.53 -28.53
CA ILE A 244 -11.86 -6.88 -27.36
C ILE A 244 -11.87 -8.39 -27.16
N LEU A 245 -12.98 -9.07 -27.45
CA LEU A 245 -13.01 -10.52 -27.34
C LEU A 245 -12.06 -11.16 -28.34
N ARG A 246 -12.16 -10.76 -29.60
CA ARG A 246 -11.27 -11.31 -30.62
C ARG A 246 -9.83 -10.92 -30.35
N LYS A 247 -9.60 -9.65 -30.02
CA LYS A 247 -8.24 -9.17 -29.79
C LYS A 247 -7.54 -9.96 -28.69
N TYR A 248 -8.29 -10.44 -27.70
CA TYR A 248 -7.68 -11.08 -26.53
C TYR A 248 -8.24 -12.47 -26.23
N GLY A 249 -9.24 -12.95 -26.98
CA GLY A 249 -9.85 -14.23 -26.64
C GLY A 249 -8.84 -15.34 -26.46
N HIS A 250 -7.89 -15.46 -27.40
CA HIS A 250 -6.88 -16.50 -27.33
C HIS A 250 -6.06 -16.44 -26.04
N GLU A 251 -6.07 -15.32 -25.33
CA GLU A 251 -5.22 -15.16 -24.17
C GLU A 251 -5.74 -15.93 -22.95
N SER A 252 -7.05 -16.04 -22.79
CA SER A 252 -7.62 -16.59 -21.57
C SER A 252 -9.05 -17.03 -21.81
N VAL A 253 -9.37 -18.26 -21.44
CA VAL A 253 -10.75 -18.73 -21.51
C VAL A 253 -11.58 -18.05 -20.43
N LEU A 254 -10.97 -17.73 -19.29
CA LEU A 254 -11.67 -16.98 -18.26
C LEU A 254 -12.16 -15.65 -18.79
N PHE A 255 -11.32 -14.96 -19.55
CA PHE A 255 -11.71 -13.67 -20.13
C PHE A 255 -12.87 -13.82 -21.09
N VAL A 256 -12.84 -14.87 -21.92
CA VAL A 256 -13.97 -15.14 -22.80
C VAL A 256 -15.22 -15.42 -21.99
N THR A 257 -15.11 -16.30 -20.99
CA THR A 257 -16.27 -16.60 -20.15
C THR A 257 -16.80 -15.34 -19.48
N ALA A 258 -15.90 -14.49 -18.97
CA ALA A 258 -16.34 -13.27 -18.30
C ALA A 258 -17.11 -12.36 -19.25
N LEU A 259 -16.68 -12.27 -20.51
CA LEU A 259 -17.35 -11.39 -21.46
C LEU A 259 -18.67 -12.01 -21.92
N GLN A 260 -18.71 -13.33 -22.11
CA GLN A 260 -19.95 -13.98 -22.52
C GLN A 260 -21.03 -13.81 -21.46
N GLU A 261 -20.66 -13.95 -20.18
CA GLU A 261 -21.64 -13.80 -19.11
C GLU A 261 -22.10 -12.35 -18.97
N ALA A 262 -21.18 -11.40 -19.14
CA ALA A 262 -21.52 -9.99 -18.88
C ALA A 262 -22.34 -9.40 -20.02
N PHE A 263 -21.89 -9.58 -21.27
CA PHE A 263 -22.55 -9.02 -22.44
C PHE A 263 -23.14 -10.16 -23.27
N PRO A 264 -24.40 -10.55 -23.04
CA PRO A 264 -24.98 -11.66 -23.81
C PRO A 264 -25.22 -11.35 -25.28
N ALA A 265 -24.94 -10.14 -25.73
CA ALA A 265 -25.17 -9.77 -27.12
C ALA A 265 -24.16 -8.74 -27.60
N GLU B 4 26.64 -9.53 -14.99
CA GLU B 4 26.57 -8.60 -13.86
C GLU B 4 27.23 -7.27 -14.21
N PHE B 5 26.69 -6.18 -13.68
CA PHE B 5 27.11 -4.84 -14.00
C PHE B 5 27.50 -4.09 -12.74
N ASP B 6 28.21 -2.97 -12.92
CA ASP B 6 28.50 -2.09 -11.80
C ASP B 6 27.23 -1.48 -11.25
N ILE B 7 26.37 -0.97 -12.13
CA ILE B 7 25.20 -0.19 -11.75
C ILE B 7 23.97 -0.74 -12.46
N THR B 8 22.84 -0.74 -11.77
CA THR B 8 21.54 -0.92 -12.39
C THR B 8 20.72 0.34 -12.15
N VAL B 9 20.15 0.88 -13.22
CA VAL B 9 19.26 2.04 -13.14
C VAL B 9 17.85 1.56 -13.47
N VAL B 10 16.93 1.77 -12.53
CA VAL B 10 15.53 1.38 -12.69
C VAL B 10 14.73 2.63 -13.01
N ILE B 11 14.03 2.61 -14.14
CA ILE B 11 13.29 3.77 -14.64
C ILE B 11 11.82 3.40 -14.75
N PRO B 12 11.01 3.77 -13.76
CA PRO B 12 9.55 3.62 -13.92
C PRO B 12 9.00 4.69 -14.83
N THR B 13 8.13 4.28 -15.74
CA THR B 13 7.61 5.21 -16.75
C THR B 13 6.12 4.98 -16.96
N PHE B 14 5.39 6.09 -17.10
CA PHE B 14 4.03 6.05 -17.63
C PHE B 14 3.75 7.40 -18.29
N LYS B 15 3.57 7.39 -19.60
CA LYS B 15 3.35 8.61 -20.38
C LYS B 15 4.53 9.57 -20.21
N ALA B 16 5.71 9.07 -20.56
CA ALA B 16 6.96 9.82 -20.41
C ALA B 16 7.63 10.14 -21.73
N GLU B 17 6.88 10.17 -22.84
CA GLU B 17 7.49 10.40 -24.13
C GLU B 17 8.22 11.74 -24.19
N LYS B 18 7.77 12.72 -23.41
CA LYS B 18 8.40 14.03 -23.43
C LYS B 18 9.87 13.95 -23.04
N THR B 19 10.16 13.29 -21.92
CA THR B 19 11.46 13.42 -21.27
C THR B 19 12.25 12.12 -21.18
N VAL B 20 11.65 10.97 -21.47
CA VAL B 20 12.36 9.70 -21.31
C VAL B 20 13.61 9.65 -22.17
N GLY B 21 13.65 10.42 -23.26
CA GLY B 21 14.85 10.51 -24.07
C GLY B 21 16.01 11.11 -23.31
N GLN B 22 15.81 12.33 -22.81
CA GLN B 22 16.87 13.00 -22.05
C GLN B 22 17.26 12.17 -20.83
N CYS B 23 16.28 11.51 -20.20
CA CYS B 23 16.56 10.69 -19.03
C CYS B 23 17.54 9.57 -19.38
N LEU B 24 17.26 8.83 -20.45
CA LEU B 24 18.15 7.74 -20.84
C LEU B 24 19.49 8.25 -21.33
N GLU B 25 19.52 9.43 -21.97
CA GLU B 25 20.80 9.99 -22.41
C GLU B 25 21.71 10.31 -21.23
N SER B 26 21.14 10.73 -20.10
CA SER B 26 21.96 11.05 -18.94
C SER B 26 22.61 9.80 -18.36
N VAL B 27 22.00 8.63 -18.57
CA VAL B 27 22.56 7.39 -18.04
C VAL B 27 23.61 6.81 -18.99
N LEU B 28 23.33 6.79 -20.29
CA LEU B 28 24.22 6.13 -21.24
C LEU B 28 25.52 6.90 -21.45
N SER B 29 25.55 8.17 -21.09
CA SER B 29 26.76 8.98 -21.20
C SER B 29 27.72 8.78 -20.03
N GLN B 30 27.33 8.00 -19.03
CA GLN B 30 28.17 7.80 -17.86
C GLN B 30 29.37 6.93 -18.21
N GLN B 31 30.57 7.45 -18.00
CA GLN B 31 31.79 6.76 -18.35
C GLN B 31 32.33 5.97 -17.15
N GLY B 32 33.17 4.99 -17.46
CA GLY B 32 33.88 4.24 -16.44
C GLY B 32 33.06 3.25 -15.65
N VAL B 33 31.85 2.94 -16.08
CA VAL B 33 30.99 1.99 -15.37
C VAL B 33 30.18 1.19 -16.37
N SER B 34 30.07 -0.12 -16.12
CA SER B 34 29.11 -0.94 -16.84
C SER B 34 27.75 -0.80 -16.16
N THR B 35 26.74 -0.44 -16.95
CA THR B 35 25.43 -0.09 -16.42
C THR B 35 24.33 -0.88 -17.12
N GLU B 36 23.39 -1.38 -16.33
CA GLU B 36 22.17 -2.00 -16.81
C GLU B 36 21.00 -1.04 -16.58
N ILE B 37 20.13 -0.94 -17.58
CA ILE B 37 18.96 -0.08 -17.52
C ILE B 37 17.72 -0.94 -17.61
N ILE B 38 16.81 -0.78 -16.66
CA ILE B 38 15.58 -1.55 -16.59
C ILE B 38 14.43 -0.54 -16.58
N VAL B 39 13.80 -0.35 -17.73
CA VAL B 39 12.65 0.53 -17.86
C VAL B 39 11.40 -0.26 -17.52
N VAL B 40 10.67 0.18 -16.50
CA VAL B 40 9.46 -0.51 -16.03
C VAL B 40 8.29 0.38 -16.42
N ASP B 41 7.67 0.08 -17.55
CA ASP B 41 6.59 0.89 -18.10
C ASP B 41 5.24 0.29 -17.69
N GLY B 42 4.27 1.18 -17.42
CA GLY B 42 2.96 0.76 -17.02
C GLY B 42 1.94 0.77 -18.14
N GLY B 43 2.36 0.33 -19.32
CA GLY B 43 1.48 0.30 -20.46
C GLY B 43 1.17 1.67 -21.00
N SER B 44 2.20 2.40 -21.41
CA SER B 44 2.00 3.75 -21.92
C SER B 44 1.33 3.69 -23.30
N PRO B 45 0.30 4.51 -23.56
CA PRO B 45 -0.28 4.56 -24.90
C PRO B 45 0.46 5.50 -25.86
N ASP B 46 1.37 6.32 -25.37
CA ASP B 46 2.07 7.28 -26.21
C ASP B 46 3.35 6.64 -26.74
N ALA B 47 4.31 7.46 -27.17
CA ALA B 47 5.53 6.97 -27.83
C ALA B 47 6.64 6.64 -26.84
N THR B 48 6.30 6.34 -25.59
CA THR B 48 7.34 6.01 -24.61
C THR B 48 8.09 4.75 -25.02
N ILE B 49 7.38 3.74 -25.52
CA ILE B 49 8.02 2.47 -25.84
C ILE B 49 8.92 2.61 -27.06
N SER B 50 8.45 3.32 -28.10
CA SER B 50 9.26 3.45 -29.30
C SER B 50 10.50 4.31 -29.05
N ILE B 51 10.41 5.30 -28.16
CA ILE B 51 11.58 6.10 -27.85
C ILE B 51 12.61 5.29 -27.07
N VAL B 52 12.15 4.52 -26.08
CA VAL B 52 13.07 3.69 -25.32
C VAL B 52 13.71 2.64 -26.23
N GLN B 53 12.92 2.07 -27.14
CA GLN B 53 13.48 1.13 -28.11
C GLN B 53 14.51 1.79 -29.02
N SER B 54 14.50 3.12 -29.11
CA SER B 54 15.52 3.82 -29.88
C SER B 54 16.86 3.88 -29.16
N PHE B 55 16.91 3.49 -27.89
CA PHE B 55 18.16 3.33 -27.14
C PHE B 55 18.52 1.86 -26.97
N SER B 56 18.11 1.00 -27.91
CA SER B 56 18.30 -0.43 -27.73
C SER B 56 19.77 -0.80 -27.63
N SER B 57 20.67 0.01 -28.21
CA SER B 57 22.09 -0.27 -28.18
C SER B 57 22.65 -0.11 -26.77
N THR B 58 22.28 -1.00 -25.86
CA THR B 58 22.79 -0.98 -24.49
C THR B 58 22.23 -2.20 -23.76
N ASN B 59 22.59 -2.33 -22.49
CA ASN B 59 22.08 -3.39 -21.63
C ASN B 59 20.70 -2.97 -21.10
N LEU B 60 19.74 -2.91 -22.02
CA LEU B 60 18.46 -2.26 -21.80
C LEU B 60 17.36 -3.31 -21.72
N THR B 61 16.63 -3.30 -20.60
CA THR B 61 15.50 -4.21 -20.38
C THR B 61 14.22 -3.38 -20.32
N ILE B 62 13.21 -3.82 -21.06
CA ILE B 62 11.94 -3.10 -21.15
C ILE B 62 10.84 -4.00 -20.58
N ILE B 63 10.15 -3.50 -19.57
CA ILE B 63 8.95 -4.13 -19.03
C ILE B 63 7.80 -3.15 -19.23
N SER B 64 6.79 -3.58 -19.99
CA SER B 64 5.59 -2.79 -20.22
C SER B 64 4.39 -3.63 -19.88
N GLU B 65 3.77 -3.35 -18.74
CA GLU B 65 2.60 -4.09 -18.27
C GLU B 65 1.93 -3.26 -17.18
N PRO B 66 0.62 -3.43 -16.98
CA PRO B 66 -0.04 -2.69 -15.89
C PRO B 66 0.67 -2.92 -14.56
N ASP B 67 0.60 -1.91 -13.70
CA ASP B 67 1.15 -2.02 -12.36
C ASP B 67 0.31 -1.16 -11.43
N ARG B 68 0.58 -1.27 -10.13
CA ARG B 68 -0.21 -0.62 -9.10
C ARG B 68 0.41 0.69 -8.62
N GLY B 69 1.28 1.29 -9.42
CA GLY B 69 1.85 2.58 -9.09
C GLY B 69 3.34 2.60 -9.34
N ILE B 70 3.97 3.72 -8.95
CA ILE B 70 5.40 3.89 -9.19
C ILE B 70 6.18 2.83 -8.42
N TYR B 71 5.88 2.67 -7.13
CA TYR B 71 6.66 1.76 -6.31
C TYR B 71 6.43 0.30 -6.69
N ASP B 72 5.26 -0.02 -7.22
CA ASP B 72 5.06 -1.36 -7.77
C ASP B 72 6.04 -1.60 -8.91
N ALA B 73 6.12 -0.65 -9.85
CA ALA B 73 7.07 -0.74 -10.94
C ALA B 73 8.50 -0.80 -10.42
N ILE B 74 8.84 0.08 -9.46
CA ILE B 74 10.19 0.09 -8.90
C ILE B 74 10.55 -1.30 -8.37
N ASN B 75 9.62 -1.92 -7.63
CA ASN B 75 9.88 -3.26 -7.10
C ASN B 75 10.19 -4.24 -8.22
N LYS B 76 9.45 -4.16 -9.34
CA LYS B 76 9.73 -5.04 -10.47
C LYS B 76 11.16 -4.86 -10.96
N GLY B 77 11.58 -3.61 -11.15
CA GLY B 77 12.93 -3.37 -11.66
C GLY B 77 14.01 -3.80 -10.67
N VAL B 78 13.83 -3.46 -9.39
CA VAL B 78 14.80 -3.85 -8.38
C VAL B 78 14.96 -5.36 -8.33
N SER B 79 13.84 -6.09 -8.46
CA SER B 79 13.90 -7.54 -8.37
C SER B 79 14.72 -8.15 -9.51
N ARG B 80 14.69 -7.53 -10.69
CA ARG B 80 15.42 -8.02 -11.84
C ARG B 80 16.82 -7.46 -11.95
N ALA B 81 17.16 -6.45 -11.15
CA ALA B 81 18.47 -5.81 -11.26
C ALA B 81 19.60 -6.81 -11.02
N GLN B 82 20.66 -6.68 -11.82
CA GLN B 82 21.84 -7.51 -11.67
C GLN B 82 23.09 -6.68 -11.45
N GLY B 83 22.96 -5.39 -11.19
CA GLY B 83 24.10 -4.54 -10.91
C GLY B 83 24.42 -4.52 -9.42
N GLY B 84 25.69 -4.27 -9.11
CA GLY B 84 26.12 -4.24 -7.73
C GLY B 84 25.39 -3.17 -6.92
N MET B 85 25.18 -2.00 -7.54
CA MET B 85 24.48 -0.89 -6.91
C MET B 85 23.27 -0.53 -7.76
N ILE B 86 22.11 -0.37 -7.12
CA ILE B 86 20.85 -0.12 -7.80
C ILE B 86 20.41 1.30 -7.52
N GLY B 87 20.03 2.03 -8.56
CA GLY B 87 19.42 3.33 -8.41
C GLY B 87 18.10 3.39 -9.15
N VAL B 88 17.29 4.38 -8.77
CA VAL B 88 15.99 4.61 -9.38
C VAL B 88 15.99 6.01 -9.95
N LEU B 89 15.66 6.12 -11.24
CA LEU B 89 15.67 7.40 -11.95
C LEU B 89 14.31 7.60 -12.61
N GLY B 90 13.68 8.73 -12.32
CA GLY B 90 12.42 9.06 -12.97
C GLY B 90 12.63 9.53 -14.40
N ALA B 91 11.62 9.31 -15.24
CA ALA B 91 11.74 9.66 -16.65
C ALA B 91 11.87 11.16 -16.86
N ASP B 92 11.55 11.97 -15.86
CA ASP B 92 11.73 13.42 -15.94
C ASP B 92 12.90 13.89 -15.09
N ASP B 93 13.75 12.98 -14.62
CA ASP B 93 14.99 13.32 -13.96
C ASP B 93 16.17 13.00 -14.88
N VAL B 94 17.33 13.55 -14.53
CA VAL B 94 18.57 13.25 -15.24
C VAL B 94 19.69 13.13 -14.21
N TYR B 95 20.58 12.16 -14.43
CA TYR B 95 21.83 12.09 -13.68
C TYR B 95 22.78 13.16 -14.19
N LYS B 96 23.58 13.71 -13.28
CA LYS B 96 24.66 14.60 -13.69
C LYS B 96 25.87 13.77 -14.12
N PRO B 97 26.75 14.34 -14.95
CA PRO B 97 27.91 13.57 -15.40
C PRO B 97 28.78 13.11 -14.24
N ASN B 98 29.36 11.93 -14.40
CA ASN B 98 30.33 11.35 -13.47
C ASN B 98 29.69 10.89 -12.16
N VAL B 99 28.36 10.76 -12.12
CA VAL B 99 27.72 10.30 -10.89
C VAL B 99 27.89 8.80 -10.72
N LEU B 100 27.71 8.02 -11.78
CA LEU B 100 27.75 6.58 -11.65
C LEU B 100 29.14 6.09 -11.28
N SER B 101 30.19 6.73 -11.82
CA SER B 101 31.55 6.35 -11.44
C SER B 101 31.81 6.69 -9.97
N VAL B 102 31.28 7.83 -9.50
CA VAL B 102 31.42 8.18 -8.10
C VAL B 102 30.73 7.13 -7.23
N VAL B 103 29.54 6.69 -7.63
CA VAL B 103 28.84 5.65 -6.86
C VAL B 103 29.70 4.40 -6.79
N LYS B 104 30.19 3.93 -7.94
CA LYS B 104 31.02 2.73 -7.96
C LYS B 104 32.22 2.87 -7.04
N GLU B 105 32.89 4.02 -7.09
CA GLU B 105 34.07 4.22 -6.25
C GLU B 105 33.72 4.20 -4.77
N ASN B 106 32.63 4.85 -4.39
CA ASN B 106 32.27 4.90 -2.98
C ASN B 106 31.79 3.54 -2.49
N ALA B 107 31.23 2.72 -3.37
CA ALA B 107 30.79 1.39 -2.99
C ALA B 107 31.94 0.39 -2.91
N SER B 108 33.08 0.69 -3.54
CA SER B 108 34.21 -0.24 -3.52
C SER B 108 34.65 -0.56 -2.10
N ARG B 109 34.40 0.35 -1.16
CA ARG B 109 34.82 0.17 0.23
C ARG B 109 33.77 -0.56 1.07
N GLY B 110 32.70 -1.06 0.45
CA GLY B 110 31.72 -1.86 1.15
C GLY B 110 30.48 -1.13 1.61
N VAL B 111 30.40 0.19 1.42
CA VAL B 111 29.22 0.93 1.85
C VAL B 111 28.02 0.46 1.05
N GLU B 112 26.91 0.19 1.75
CA GLU B 112 25.75 -0.39 1.11
C GLU B 112 24.85 0.66 0.48
N ILE B 113 24.94 1.93 0.87
CA ILE B 113 24.13 3.00 0.31
C ILE B 113 25.03 4.20 0.04
N VAL B 114 25.07 4.63 -1.22
CA VAL B 114 25.76 5.86 -1.62
C VAL B 114 24.68 6.85 -2.06
N ALA B 115 24.62 7.99 -1.38
CA ALA B 115 23.59 8.99 -1.63
C ALA B 115 24.23 10.33 -1.94
N GLY B 116 23.59 11.08 -2.83
CA GLY B 116 24.13 12.35 -3.26
C GLY B 116 23.14 13.49 -3.10
N LEU B 117 23.48 14.67 -3.61
CA LEU B 117 22.63 15.85 -3.53
C LEU B 117 21.61 15.84 -4.66
N THR B 118 20.59 16.68 -4.51
CA THR B 118 19.49 16.75 -5.46
C THR B 118 19.22 18.20 -5.81
N LEU B 119 19.02 18.48 -7.10
CA LEU B 119 18.68 19.80 -7.59
C LEU B 119 17.21 19.82 -8.00
N ILE B 120 16.44 20.70 -7.39
CA ILE B 120 15.01 20.81 -7.63
C ILE B 120 14.71 22.26 -8.00
N ASP B 121 14.41 22.48 -9.28
CA ASP B 121 14.15 23.83 -9.79
C ASP B 121 15.29 24.77 -9.43
N GLY B 122 16.52 24.33 -9.69
CA GLY B 122 17.68 25.16 -9.46
C GLY B 122 18.03 25.38 -8.00
N GLN B 123 17.41 24.66 -7.08
CA GLN B 123 17.72 24.78 -5.67
C GLN B 123 18.07 23.40 -5.11
N LEU B 124 18.96 23.39 -4.14
CA LEU B 124 19.39 22.14 -3.52
C LEU B 124 18.32 21.65 -2.56
N ARG B 125 17.95 20.39 -2.69
CA ARG B 125 17.08 19.76 -1.71
C ARG B 125 17.70 19.92 -0.32
N ALA B 126 16.89 20.40 0.63
CA ALA B 126 17.35 20.61 2.00
C ALA B 126 17.47 19.25 2.67
N ASP B 127 18.56 18.55 2.36
CA ASP B 127 18.76 17.21 2.88
C ASP B 127 19.01 17.25 4.39
N GLU B 128 18.79 16.09 5.02
CA GLU B 128 19.07 15.88 6.43
C GLU B 128 20.02 14.70 6.57
N GLN B 129 20.50 14.49 7.79
CA GLN B 129 21.46 13.43 8.03
C GLN B 129 20.77 12.07 8.08
N TYR B 130 21.43 11.08 7.48
CA TYR B 130 21.04 9.68 7.60
C TYR B 130 21.37 9.21 9.01
N ARG B 131 20.37 9.25 9.89
CA ARG B 131 20.58 9.02 11.32
C ARG B 131 19.23 8.88 12.03
N PRO B 132 19.22 8.49 13.30
CA PRO B 132 17.92 8.35 14.00
C PRO B 132 17.04 9.58 13.92
N ALA B 133 17.62 10.78 13.81
CA ALA B 133 16.81 11.98 13.68
C ALA B 133 15.91 11.91 12.44
N ALA B 134 16.36 11.21 11.40
CA ALA B 134 15.56 11.10 10.18
C ALA B 134 14.26 10.33 10.39
N LEU B 135 14.18 9.54 11.46
CA LEU B 135 13.00 8.73 11.71
C LEU B 135 11.80 9.54 12.19
N ILE B 136 11.98 10.82 12.52
CA ILE B 136 10.88 11.73 12.80
C ILE B 136 10.69 12.73 11.66
N SER B 137 11.13 12.39 10.46
CA SER B 137 11.04 13.29 9.31
C SER B 137 10.74 12.43 8.09
N GLY B 138 10.98 12.99 6.92
CA GLY B 138 10.85 12.27 5.66
C GLY B 138 12.12 11.54 5.31
N ILE B 139 12.30 11.31 4.01
CA ILE B 139 13.55 10.70 3.54
C ILE B 139 14.67 11.73 3.64
N PRO B 140 15.83 11.40 4.21
CA PRO B 140 16.85 12.43 4.44
C PRO B 140 17.42 13.02 3.16
N PHE B 141 17.51 12.23 2.10
CA PHE B 141 18.03 12.69 0.82
C PHE B 141 17.02 12.33 -0.26
N GLY B 142 17.22 12.91 -1.44
CA GLY B 142 16.37 12.58 -2.57
C GLY B 142 16.49 11.11 -2.93
N HIS B 143 15.34 10.48 -3.18
CA HIS B 143 15.35 9.05 -3.50
C HIS B 143 16.12 8.76 -4.78
N ASN B 144 15.97 9.63 -5.78
CA ASN B 144 16.62 9.42 -7.06
C ASN B 144 18.12 9.64 -6.98
N ALA B 145 18.61 10.29 -5.92
CA ALA B 145 20.03 10.44 -5.67
C ALA B 145 20.59 9.29 -4.83
N MET B 146 19.79 8.26 -4.57
CA MET B 146 20.20 7.14 -3.73
C MET B 146 20.56 5.95 -4.59
N PHE B 147 21.66 5.29 -4.23
CA PHE B 147 22.05 4.01 -4.82
C PHE B 147 22.23 3.01 -3.69
N ALA B 148 21.62 1.84 -3.83
CA ALA B 148 21.63 0.83 -2.78
C ALA B 148 22.08 -0.50 -3.36
N SER B 149 22.96 -1.18 -2.64
CA SER B 149 23.55 -2.43 -3.10
C SER B 149 22.51 -3.54 -3.17
N GLN B 150 22.90 -4.67 -3.77
CA GLN B 150 22.05 -5.85 -3.75
C GLN B 150 21.84 -6.33 -2.32
N GLU B 151 22.89 -6.28 -1.50
CA GLU B 151 22.76 -6.68 -0.09
C GLU B 151 21.78 -5.77 0.64
N ALA B 152 21.88 -4.46 0.42
CA ALA B 152 20.98 -3.52 1.08
C ALA B 152 19.52 -3.91 0.85
N TYR B 153 19.13 -4.06 -0.42
CA TYR B 153 17.75 -4.43 -0.73
C TYR B 153 17.42 -5.81 -0.18
N ARG B 154 18.37 -6.74 -0.23
CA ARG B 154 18.15 -8.07 0.32
C ARG B 154 17.75 -7.99 1.79
N LYS B 155 18.42 -7.13 2.56
CA LYS B 155 18.20 -7.10 4.00
C LYS B 155 17.00 -6.24 4.37
N VAL B 156 16.81 -5.11 3.68
CA VAL B 156 15.69 -4.22 4.01
C VAL B 156 14.40 -4.73 3.38
N GLY B 157 14.47 -5.22 2.14
CA GLY B 157 13.30 -5.64 1.41
C GLY B 157 12.88 -4.62 0.36
N LEU B 158 11.69 -4.85 -0.17
CA LEU B 158 11.16 -4.01 -1.24
C LEU B 158 10.36 -2.84 -0.67
N TYR B 159 9.77 -2.05 -1.56
CA TYR B 159 9.03 -0.86 -1.16
C TYR B 159 7.58 -1.22 -0.83
N ASP B 160 7.09 -0.64 0.26
CA ASP B 160 5.77 -0.94 0.81
C ASP B 160 4.70 -0.21 -0.02
N LEU B 161 3.86 -0.98 -0.72
CA LEU B 161 2.88 -0.39 -1.62
C LEU B 161 1.74 0.33 -0.90
N ALA B 162 1.58 0.13 0.41
CA ALA B 162 0.58 0.88 1.14
C ALA B 162 0.85 2.38 1.11
N TYR B 163 2.09 2.78 0.81
CA TYR B 163 2.48 4.18 0.72
C TYR B 163 2.72 4.51 -0.75
N ARG B 164 1.87 5.36 -1.31
CA ARG B 164 1.95 5.71 -2.72
C ARG B 164 2.89 6.88 -3.00
N ILE B 165 3.33 7.60 -1.96
CA ILE B 165 4.18 8.77 -2.10
C ILE B 165 5.48 8.59 -1.33
N CYS B 166 5.38 8.22 -0.06
CA CYS B 166 6.53 8.22 0.84
C CYS B 166 7.01 6.81 1.18
N ALA B 167 6.77 5.85 0.27
CA ALA B 167 7.35 4.52 0.46
C ALA B 167 8.87 4.56 0.40
N ASP B 168 9.44 5.56 -0.26
CA ASP B 168 10.90 5.67 -0.29
C ASP B 168 11.45 6.07 1.09
N ALA B 169 10.77 7.01 1.76
CA ALA B 169 11.18 7.35 3.12
C ALA B 169 11.03 6.16 4.05
N GLU B 170 9.91 5.44 3.96
CA GLU B 170 9.71 4.26 4.80
C GLU B 170 10.81 3.23 4.56
N TRP B 171 11.27 3.11 3.31
CA TRP B 171 12.36 2.18 3.01
C TRP B 171 13.66 2.63 3.67
N VAL B 172 14.03 3.90 3.49
CA VAL B 172 15.26 4.40 4.10
C VAL B 172 15.19 4.30 5.61
N HIS B 173 14.02 4.61 6.18
CA HIS B 173 13.85 4.48 7.63
C HIS B 173 14.06 3.04 8.07
N ARG B 174 13.60 2.08 7.28
CA ARG B 174 13.91 0.68 7.57
C ARG B 174 15.41 0.42 7.45
N ALA B 175 16.04 0.98 6.42
CA ALA B 175 17.48 0.85 6.28
C ALA B 175 18.20 1.43 7.49
N ILE B 176 17.78 2.61 7.94
CA ILE B 176 18.37 3.19 9.14
C ILE B 176 18.20 2.25 10.33
N LYS B 177 16.96 1.82 10.57
CA LYS B 177 16.68 0.94 11.71
C LYS B 177 17.42 -0.38 11.58
N SER B 178 17.80 -0.78 10.37
CA SER B 178 18.55 -2.02 10.16
C SER B 178 20.05 -1.82 10.25
N ASP B 179 20.51 -0.58 10.43
CA ASP B 179 21.94 -0.28 10.56
C ASP B 179 22.69 -0.46 9.25
N ILE B 180 22.02 -0.16 8.13
CA ILE B 180 22.65 -0.24 6.82
C ILE B 180 23.63 0.92 6.66
N SER B 181 24.87 0.60 6.29
CA SER B 181 25.89 1.63 6.13
C SER B 181 25.51 2.57 4.99
N CYS B 182 25.79 3.86 5.18
CA CYS B 182 25.43 4.87 4.18
C CYS B 182 26.46 5.98 4.17
N ARG B 183 26.93 6.31 2.97
CA ARG B 183 27.83 7.44 2.73
C ARG B 183 27.08 8.50 1.95
N LYS B 184 27.14 9.74 2.43
CA LYS B 184 26.55 10.88 1.74
C LYS B 184 27.65 11.65 1.02
N VAL B 185 27.49 11.82 -0.29
CA VAL B 185 28.47 12.53 -1.12
C VAL B 185 27.93 13.92 -1.41
N GLU B 186 28.73 14.94 -1.09
CA GLU B 186 28.35 16.34 -1.31
C GLU B 186 28.54 16.70 -2.79
N GLN B 187 27.80 15.99 -3.64
CA GLN B 187 27.81 16.19 -5.07
C GLN B 187 26.41 15.98 -5.60
N VAL B 188 26.01 16.78 -6.59
CA VAL B 188 24.67 16.67 -7.14
C VAL B 188 24.60 15.44 -8.03
N PHE B 189 23.77 14.48 -7.65
CA PHE B 189 23.59 13.26 -8.44
C PHE B 189 22.49 13.41 -9.48
N VAL B 190 21.40 14.08 -9.15
CA VAL B 190 20.23 14.14 -10.02
C VAL B 190 19.67 15.56 -10.02
N GLU B 191 19.17 15.99 -11.19
CA GLU B 191 18.35 17.18 -11.31
C GLU B 191 16.90 16.71 -11.42
N PHE B 192 16.12 16.99 -10.37
CA PHE B 192 14.81 16.38 -10.21
C PHE B 192 13.76 17.06 -11.08
N GLY B 193 12.90 16.26 -11.71
CA GLY B 193 11.85 16.79 -12.55
C GLY B 193 10.62 17.15 -11.73
N THR B 194 10.13 18.36 -11.91
CA THR B 194 9.05 18.92 -11.10
C THR B 194 7.73 18.79 -11.86
N GLU B 195 6.87 17.88 -11.41
CA GLU B 195 5.55 17.70 -11.99
C GLU B 195 4.58 17.12 -10.96
N SER B 200 0.97 16.55 -6.40
CA SER B 200 -0.13 15.92 -5.68
C SER B 200 -0.58 16.77 -4.51
N ASN B 201 -1.77 16.49 -4.02
CA ASN B 201 -2.32 17.23 -2.89
C ASN B 201 -1.32 17.23 -1.73
N PRO B 202 -0.96 18.40 -1.18
CA PRO B 202 0.00 18.41 -0.08
C PRO B 202 -0.44 17.58 1.12
N GLU B 203 -1.74 17.60 1.46
CA GLU B 203 -2.20 16.84 2.61
C GLU B 203 -1.95 15.35 2.45
N GLU B 204 -2.01 14.84 1.21
CA GLU B 204 -1.69 13.44 0.98
C GLU B 204 -0.24 13.15 1.36
N ILE B 205 0.67 14.06 1.02
CA ILE B 205 2.07 13.88 1.38
C ILE B 205 2.24 13.90 2.90
N ILE B 206 1.64 14.91 3.55
CA ILE B 206 1.77 15.01 4.99
C ILE B 206 1.14 13.80 5.67
N ALA B 207 0.02 13.31 5.14
CA ALA B 207 -0.63 12.13 5.72
C ALA B 207 0.30 10.93 5.68
N GLU B 208 0.88 10.64 4.52
CA GLU B 208 1.77 9.48 4.42
C GLU B 208 3.02 9.69 5.25
N ALA B 209 3.54 10.92 5.30
CA ALA B 209 4.75 11.19 6.09
C ALA B 209 4.50 10.93 7.57
N CYS B 210 3.36 11.38 8.09
CA CYS B 210 3.03 11.11 9.49
C CYS B 210 2.86 9.62 9.73
N SER B 211 2.21 8.92 8.81
CA SER B 211 2.06 7.47 8.94
C SER B 211 3.41 6.79 9.00
N VAL B 212 4.35 7.23 8.16
CA VAL B 212 5.68 6.61 8.13
C VAL B 212 6.35 6.76 9.48
N ILE B 213 6.17 7.91 10.13
CA ILE B 213 6.86 8.16 11.40
C ILE B 213 6.25 7.32 12.52
N GLN B 214 4.92 7.20 12.53
CA GLN B 214 4.29 6.33 13.51
C GLN B 214 4.72 4.89 13.34
N ARG B 215 5.00 4.49 12.09
CA ARG B 215 5.49 3.15 11.84
C ARG B 215 6.84 2.93 12.51
N ASN B 216 7.61 3.99 12.71
CA ASN B 216 8.85 3.89 13.46
C ASN B 216 8.59 3.87 14.96
N PHE B 217 7.61 4.66 15.41
CA PHE B 217 7.31 4.83 16.83
C PHE B 217 5.80 4.67 17.01
N PRO B 218 5.31 3.43 17.06
CA PRO B 218 3.85 3.23 17.11
C PRO B 218 3.17 3.88 18.29
N PHE B 219 3.90 4.21 19.36
CA PHE B 219 3.28 4.87 20.50
C PHE B 219 2.84 6.29 20.17
N LEU B 220 3.41 6.91 19.14
CA LEU B 220 3.07 8.28 18.81
C LEU B 220 1.61 8.38 18.36
N LEU B 221 0.91 9.38 18.89
CA LEU B 221 -0.38 9.73 18.31
C LEU B 221 -0.16 10.44 16.98
N LYS B 222 -1.24 10.53 16.20
CA LYS B 222 -1.13 11.01 14.83
C LYS B 222 -0.63 12.45 14.80
N GLU B 223 -1.35 13.36 15.47
CA GLU B 223 -0.96 14.76 15.47
C GLU B 223 0.42 14.95 16.08
N GLU B 224 0.81 14.11 17.03
CA GLU B 224 2.16 14.20 17.59
C GLU B 224 3.20 13.95 16.50
N ALA B 225 2.95 12.98 15.62
CA ALA B 225 3.87 12.70 14.52
C ALA B 225 4.02 13.91 13.61
N LYS B 226 2.92 14.63 13.35
CA LYS B 226 2.99 15.83 12.52
C LYS B 226 3.81 16.92 13.21
N TYR B 227 3.60 17.11 14.51
CA TYR B 227 4.33 18.13 15.25
C TYR B 227 5.83 17.92 15.11
N LEU B 228 6.30 16.69 15.35
CA LEU B 228 7.73 16.40 15.21
C LEU B 228 8.22 16.68 13.81
N LEU B 229 7.49 16.19 12.80
CA LEU B 229 7.85 16.46 11.41
C LEU B 229 8.01 17.95 11.17
N TYR B 230 6.98 18.74 11.51
CA TYR B 230 7.05 20.17 11.27
C TYR B 230 8.20 20.81 12.03
N GLY B 231 8.44 20.37 13.27
CA GLY B 231 9.58 20.89 14.01
C GLY B 231 10.89 20.68 13.27
N VAL B 232 11.13 19.46 12.81
CA VAL B 232 12.38 19.16 12.09
C VAL B 232 12.50 20.03 10.85
N ARG B 233 11.45 20.04 10.02
CA ARG B 233 11.47 20.79 8.77
C ARG B 233 11.32 22.30 8.98
N GLY B 234 11.24 22.77 10.22
CA GLY B 234 11.10 24.19 10.47
C GLY B 234 9.78 24.76 9.99
N TRP B 235 8.68 24.05 10.23
CA TRP B 235 7.36 24.49 9.82
C TRP B 235 6.44 24.84 10.99
N GLY B 236 6.87 24.59 12.22
CA GLY B 236 6.05 24.87 13.39
C GLY B 236 6.91 24.96 14.62
N GLU B 237 6.28 25.36 15.72
CA GLU B 237 7.03 25.57 16.96
C GLU B 237 7.66 24.27 17.43
N THR B 238 8.74 24.42 18.20
CA THR B 238 9.43 23.30 18.83
C THR B 238 9.29 23.36 20.34
N SER B 239 8.11 23.76 20.81
CA SER B 239 7.91 24.00 22.23
C SER B 239 7.59 22.73 23.00
N ARG B 240 6.78 21.85 22.41
CA ARG B 240 6.33 20.64 23.10
C ARG B 240 7.28 19.47 22.95
N ILE B 241 8.44 19.65 22.31
CA ILE B 241 9.38 18.55 22.14
C ILE B 241 9.74 17.95 23.50
N GLU B 242 10.02 18.82 24.49
CA GLU B 242 10.29 18.34 25.83
C GLU B 242 9.12 17.52 26.36
N GLN B 243 7.90 18.02 26.17
CA GLN B 243 6.72 17.28 26.61
C GLN B 243 6.65 15.91 25.94
N ILE B 244 6.78 15.87 24.61
CA ILE B 244 6.70 14.60 23.90
C ILE B 244 7.85 13.70 24.30
N LEU B 245 9.03 14.28 24.52
CA LEU B 245 10.19 13.49 24.91
C LEU B 245 9.96 12.82 26.26
N ARG B 246 9.41 13.55 27.22
CA ARG B 246 9.15 12.97 28.54
C ARG B 246 8.00 11.98 28.49
N LYS B 247 7.02 12.22 27.63
CA LYS B 247 5.85 11.35 27.56
C LYS B 247 6.21 9.97 27.01
N TYR B 248 7.22 9.89 26.15
CA TYR B 248 7.55 8.64 25.46
C TYR B 248 9.01 8.23 25.55
N GLY B 249 9.87 9.00 26.25
CA GLY B 249 11.26 8.62 26.35
C GLY B 249 11.46 7.22 26.86
N HIS B 250 10.60 6.78 27.78
CA HIS B 250 10.71 5.44 28.35
C HIS B 250 10.43 4.34 27.33
N GLU B 251 9.80 4.67 26.20
CA GLU B 251 9.40 3.64 25.25
C GLU B 251 10.58 3.14 24.43
N SER B 252 11.51 4.01 24.06
CA SER B 252 12.50 3.66 23.05
C SER B 252 13.74 4.53 23.20
N VAL B 253 14.90 3.90 23.37
CA VAL B 253 16.17 4.61 23.27
C VAL B 253 16.26 5.31 21.92
N LEU B 254 15.90 4.60 20.85
CA LEU B 254 16.00 5.17 19.51
C LEU B 254 15.20 6.47 19.41
N PHE B 255 14.00 6.48 19.99
CA PHE B 255 13.19 7.70 19.98
C PHE B 255 13.91 8.83 20.71
N VAL B 256 14.54 8.54 21.84
CA VAL B 256 15.25 9.57 22.59
C VAL B 256 16.40 10.12 21.75
N THR B 257 17.24 9.23 21.21
CA THR B 257 18.34 9.67 20.36
C THR B 257 17.83 10.48 19.18
N ALA B 258 16.69 10.09 18.61
CA ALA B 258 16.14 10.82 17.47
C ALA B 258 15.77 12.25 17.83
N LEU B 259 15.23 12.44 19.05
CA LEU B 259 14.83 13.79 19.46
C LEU B 259 16.02 14.61 19.95
N GLN B 260 17.05 13.96 20.52
CA GLN B 260 18.28 14.67 20.81
C GLN B 260 18.90 15.23 19.54
N GLU B 261 19.10 14.36 18.55
CA GLU B 261 19.73 14.78 17.31
C GLU B 261 18.92 15.87 16.62
N ALA B 262 17.60 15.70 16.56
CA ALA B 262 16.76 16.63 15.82
C ALA B 262 16.69 17.99 16.53
N PHE B 263 16.49 17.99 17.85
CA PHE B 263 16.29 19.20 18.63
C PHE B 263 17.36 19.28 19.71
N PRO B 264 18.54 19.80 19.38
CA PRO B 264 19.64 19.84 20.36
C PRO B 264 19.30 20.60 21.65
N ALA B 265 18.19 21.34 21.69
CA ALA B 265 17.84 22.07 22.91
C ALA B 265 17.29 21.18 24.00
N VAL B 266 16.81 19.97 23.67
CA VAL B 266 16.25 19.06 24.68
C VAL B 266 17.33 18.11 25.17
N GLU B 267 18.60 18.47 24.95
CA GLU B 267 19.69 17.62 25.38
C GLU B 267 19.61 17.33 26.88
N THR B 268 19.43 18.38 27.69
CA THR B 268 19.37 18.18 29.14
C THR B 268 18.23 17.24 29.52
N ALA B 269 17.06 17.41 28.89
CA ALA B 269 15.92 16.56 29.22
C ALA B 269 16.14 15.13 28.74
N ALA B 270 16.90 14.95 27.65
CA ALA B 270 17.12 13.61 27.12
C ALA B 270 18.08 12.80 27.98
N ALA B 271 19.06 13.46 28.59
CA ALA B 271 19.92 12.77 29.55
C ALA B 271 19.09 12.21 30.71
N LEU B 272 18.06 12.94 31.12
CA LEU B 272 17.15 12.43 32.15
C LEU B 272 16.45 11.17 31.66
N GLU B 273 15.95 11.19 30.42
CA GLU B 273 15.34 9.99 29.85
C GLU B 273 16.36 8.87 29.73
N HIS B 274 17.57 9.19 29.26
CA HIS B 274 18.63 8.19 29.20
C HIS B 274 18.92 7.62 30.59
N HIS B 275 19.10 8.50 31.58
CA HIS B 275 19.55 8.05 32.89
C HIS B 275 18.50 7.20 33.58
N HIS B 276 17.23 7.60 33.52
CA HIS B 276 16.20 6.97 34.32
C HIS B 276 15.55 5.76 33.66
N HIS B 277 15.71 5.59 32.35
CA HIS B 277 15.08 4.49 31.64
C HIS B 277 16.02 3.69 30.76
N HIS B 278 17.17 4.24 30.37
CA HIS B 278 18.04 3.56 29.43
C HIS B 278 19.49 3.64 29.91
C2 BGC C . 12.00 13.66 -2.03
C3 BGC C . 11.65 12.69 -3.10
C4 BGC C . 10.73 11.64 -2.57
C5 BGC C . 9.47 12.23 -1.98
C6 BGC C . 8.63 11.16 -1.37
C1 BGC C . 10.77 14.23 -1.37
O2 BGC C . 12.80 14.75 -2.61
O3 BGC C . 12.86 12.06 -3.59
O4 BGC C . 10.40 10.59 -3.55
O5 BGC C . 9.80 13.20 -0.92
O6 BGC C . 8.86 11.12 -0.01
H2 BGC C . 12.60 13.16 -1.29
H3 BGC C . 11.16 13.23 -3.93
H4 BGC C . 11.29 11.12 -1.78
H5 BGC C . 8.90 12.69 -2.78
H61 BGC C . 7.56 11.37 -1.56
H62 BGC C . 8.89 10.18 -1.82
H1 BGC C . 10.30 14.88 -2.09
HO2 BGC C . 13.17 14.48 -3.45
HO3 BGC C . 13.11 12.44 -4.43
HO6 BGC C . 8.08 10.90 0.44
C1 FUC C . 9.96 11.03 -4.82
C2 FUC C . 10.75 10.22 -5.88
C3 FUC C . 10.48 8.81 -5.74
C4 FUC C . 9.04 8.53 -5.86
C5 FUC C . 8.18 9.38 -4.89
C6 FUC C . 6.72 9.23 -5.25
O2 FUC C . 12.16 10.46 -5.72
O3 FUC C . 11.24 8.07 -6.77
O4 FUC C . 8.63 8.80 -7.23
O5 FUC C . 8.52 10.79 -4.93
H1 FUC C . 10.15 12.09 -4.93
H2 FUC C . 10.46 10.57 -6.89
H3 FUC C . 10.83 8.47 -4.75
H4 FUC C . 8.88 7.50 -5.65
H5 FUC C . 8.36 9.02 -3.90
H61 FUC C . 6.48 8.16 -5.34
H62 FUC C . 6.11 9.68 -4.46
H63 FUC C . 6.52 9.73 -6.19
HO2 FUC C . 12.47 11.08 -6.40
HO3 FUC C . 11.24 7.15 -6.55
HO4 FUC C . 8.91 8.09 -7.80
P 5GP D . -16.85 3.50 7.21
O1P 5GP D . -15.71 3.90 6.30
O2P 5GP D . -17.00 4.39 8.42
O3P 5GP D . -18.14 3.20 6.50
O5' 5GP D . -16.39 2.10 7.82
C5' 5GP D . -15.02 1.75 7.89
C4' 5GP D . -14.65 1.14 9.22
O4' 5GP D . -13.21 1.09 9.31
C3' 5GP D . -15.12 1.90 10.44
O3' 5GP D . -15.29 1.00 11.54
C2' 5GP D . -13.95 2.83 10.72
O2' 5GP D . -13.86 3.31 12.04
C1' 5GP D . -12.76 1.94 10.35
N9 5GP D . -11.58 2.67 9.86
C8 5GP D . -11.53 3.68 8.98
N7 5GP D . -10.23 4.03 8.81
C5 5GP D . -9.48 3.21 9.58
C6 5GP D . -8.13 3.07 9.83
O6 5GP D . -7.31 3.82 9.26
N1 5GP D . -7.70 2.12 10.68
C2 5GP D . -8.57 1.31 11.29
N2 5GP D . -8.17 0.34 12.15
N3 5GP D . -9.90 1.42 11.07
C4 5GP D . -10.35 2.36 10.22
H5'1 5GP D . -14.41 2.64 7.72
H5'2 5GP D . -14.79 1.04 7.08
H4' 5GP D . -15.08 0.12 9.26
H3' 5GP D . -16.04 2.47 10.24
HO3' 5GP D . -15.32 1.50 12.36
H2' 5GP D . -13.99 3.68 10.01
HO2' 5GP D . -13.29 4.08 12.06
H1' 5GP D . -12.50 1.35 11.24
H8 5GP D . -12.38 4.16 8.51
HN1 5GP D . -6.68 2.01 10.86
HN21 5GP D . -8.88 -0.23 12.58
HN22 5GP D . -7.20 0.20 12.37
S DMS E . -15.47 -3.14 4.40
O DMS E . -14.17 -3.42 3.70
C1 DMS E . -15.15 -2.73 6.13
C2 DMS E . -16.12 -1.54 3.82
H11 DMS E . -14.75 -3.59 6.63
H12 DMS E . -16.05 -2.43 6.60
H13 DMS E . -14.44 -1.94 6.19
H21 DMS E . -16.98 -1.28 4.39
H22 DMS E . -16.39 -1.62 2.80
H23 DMS E . -15.37 -0.80 3.93
O5' GMP F . 8.18 10.67 -11.64
C5' GMP F . 8.73 9.36 -11.55
C4' GMP F . 8.48 8.55 -12.80
O4' GMP F . 7.43 7.60 -12.52
C3' GMP F . 8.03 9.34 -14.03
O3' GMP F . 8.90 9.05 -15.12
C2' GMP F . 6.62 8.82 -14.34
O2' GMP F . 6.33 8.72 -15.71
C1' GMP F . 6.62 7.46 -13.67
N9 GMP F . 5.31 6.98 -13.22
C8 GMP F . 4.34 7.72 -12.64
N7 GMP F . 3.30 6.90 -12.36
C5 GMP F . 3.63 5.67 -12.76
C6 GMP F . 2.89 4.33 -12.72
O6 GMP F . 1.80 4.27 -12.27
N1 GMP F . 3.51 3.15 -13.23
C2 GMP F . 4.83 3.22 -13.80
N2 GMP F . 5.49 2.03 -14.32
N3 GMP F . 5.53 4.50 -13.83
C4 GMP F . 4.89 5.72 -13.29
HO5' GMP F . 8.78 11.22 -11.89
H5'1 GMP F . 9.68 9.44 -11.42
H5'2 GMP F . 8.33 8.91 -10.79
H4' GMP F . 9.28 8.06 -13.03
H3' GMP F . 8.00 10.29 -13.83
HO3' GMP F . 8.89 8.21 -15.27
H2' GMP F . 5.96 9.39 -13.89
HO2' GMP F . 6.94 8.26 -16.09
H1' GMP F . 7.01 6.81 -14.28
H8 GMP F . 4.38 8.63 -12.46
HN1 GMP F . 3.10 2.40 -13.21
HN21 GMP F . 6.28 2.10 -14.65
HN22 GMP F . 5.08 1.28 -14.31
C1 FUC G . 6.73 21.54 0.11
C2 FUC G . 7.81 20.46 -0.09
C3 FUC G . 7.53 19.27 0.66
C4 FUC G . 6.14 18.76 0.39
C5 FUC G . 5.10 19.83 0.65
C6 FUC G . 3.74 19.29 0.35
O1 FUC G . 6.80 21.98 1.37
O2 FUC G . 9.09 21.01 0.34
O3 FUC G . 8.48 18.21 0.26
O4 FUC G . 6.07 18.37 -0.98
O5 FUC G . 5.34 21.01 -0.15
H1 FUC G . 6.92 22.35 -0.57
H2 FUC G . 7.87 20.22 -1.12
H3 FUC G . 7.65 19.49 1.73
H4 FUC G . 5.95 17.91 1.00
H5 FUC G . 5.11 20.11 1.69
H61 FUC G . 3.04 19.63 1.08
H62 FUC G . 3.77 18.22 0.37
H63 FUC G . 3.42 19.62 -0.60
HO1 FUC G . 6.68 22.93 1.39
HO2 FUC G . 9.33 21.73 -0.24
HO4 FUC G . 5.32 17.77 -1.11
C15 A1CCW H . 7.62 15.15 3.11
C17 A1CCW H . 9.35 17.90 1.28
C11 A1CCW H . 9.98 15.73 0.24
C12 A1CCW H . 9.32 15.02 1.34
C14 A1CCW H . 8.18 15.85 1.93
C37 A1CCW H . 10.46 17.07 0.63
C39 A1CCW H . 12.57 17.91 1.47
C40 A1CCW H . 12.88 18.70 0.16
O10 A1CCW H . 11.16 14.95 -0.24
O13 A1CCW H . 10.28 14.72 2.37
O16 A1CCW H . 8.64 17.21 2.33
O38 A1CCW H . 11.57 16.92 1.53
O41 A1CCW H . 13.20 18.16 2.46
H151 A1CCW H . 6.73 15.65 3.43
H153 A1CCW H . 8.34 15.15 3.90
H152 A1CCW H . 7.38 14.13 2.83
H111 A1CCW H . 9.24 15.83 -0.56
H121 A1CCW H . 8.93 14.09 0.98
H141 A1CCW H . 7.39 15.96 1.20
H371 A1CCW H . 10.82 17.60 -0.24
H402 A1CCW H . 13.87 19.22 0.26
H403 A1CCW H . 12.09 19.45 -0.03
H401 A1CCW H . 12.93 17.98 -0.70
H131 A1CCW H . 10.24 13.76 2.58
H1 A1CCW H . 9.75 18.82 1.74
#